data_7EYI
#
_entry.id   7EYI
#
_cell.length_a   67.440
_cell.length_b   67.440
_cell.length_c   228.705
_cell.angle_alpha   90.000
_cell.angle_beta   90.000
_cell.angle_gamma   90.000
#
_symmetry.space_group_name_H-M   'P 43 21 2'
#
loop_
_entity.id
_entity.type
_entity.pdbx_description
1 polymer 'Zinc finger and BTB domain-containing protein 7A'
2 polymer "DNA (5'-D(*AP*TP*AP*GP*GP*GP*CP*CP*CP*CP*TP*TP*CP*CP*CP*AP*AP*C)-3')"
3 polymer "DNA (5'-D(*TP*GP*TP*TP*GP*GP*GP*AP*AP*GP*GP*GP*GP*CP*CP*CP*TP*A)-3')"
4 non-polymer 'ZINC ION'
5 non-polymer 'BORIC ACID'
6 water water
#
loop_
_entity_poly.entity_id
_entity_poly.type
_entity_poly.pdbx_seq_one_letter_code
_entity_poly.pdbx_strand_id
1 'polypeptide(L)'
;GSHMQKCPICEKVIQGAGKLPRHIRTHTGEKPYECNICKVRFTRQDKLKVHMRKHTGEKPYLCQQCGAAFAHNYDLKNHM
RVHTGLRPYQCDSCCKTFVRSDHLHRHLKKDGCNGVPSRRGRKPRVRGGW
;
G,H
2 'polydeoxyribonucleotide' (DA)(DT)(DA)(DG)(DG)(DG)(DC)(DC)(DC)(DC)(DT)(DT)(DC)(DC)(DC)(DA)(DA)(DC) A,C
3 'polydeoxyribonucleotide' (DT)(DG)(DT)(DT)(DG)(DG)(DG)(DA)(DA)(DG)(DG)(DG)(DG)(DC)(DC)(DC)(DT)(DA) B,D
#
loop_
_chem_comp.id
_chem_comp.type
_chem_comp.name
_chem_comp.formula
BO3 non-polymer 'BORIC ACID' 'B H3 O3'
DA DNA linking 2'-DEOXYADENOSINE-5'-MONOPHOSPHATE 'C10 H14 N5 O6 P'
DC DNA linking 2'-DEOXYCYTIDINE-5'-MONOPHOSPHATE 'C9 H14 N3 O7 P'
DG DNA linking 2'-DEOXYGUANOSINE-5'-MONOPHOSPHATE 'C10 H14 N5 O7 P'
DT DNA linking THYMIDINE-5'-MONOPHOSPHATE 'C10 H15 N2 O8 P'
ZN non-polymer 'ZINC ION' 'Zn 2'
#
# COMPACT_ATOMS: atom_id res chain seq x y z
N HIS A 3 -5.02 6.19 -21.87
CA HIS A 3 -4.55 4.90 -21.37
C HIS A 3 -3.92 5.03 -20.00
N MET A 4 -3.05 6.04 -19.83
CA MET A 4 -2.39 6.30 -18.57
C MET A 4 -2.40 7.80 -18.31
N GLN A 5 -2.70 8.17 -17.07
CA GLN A 5 -2.80 9.58 -16.69
C GLN A 5 -2.53 9.71 -15.20
N LYS A 6 -1.95 10.85 -14.82
CA LYS A 6 -1.65 11.15 -13.43
C LYS A 6 -2.78 11.98 -12.83
N CYS A 7 -3.15 11.64 -11.60
CA CYS A 7 -4.23 12.36 -10.94
C CYS A 7 -3.78 13.77 -10.58
N PRO A 8 -4.63 14.78 -10.81
CA PRO A 8 -4.25 16.16 -10.47
C PRO A 8 -4.22 16.45 -8.98
N ILE A 9 -4.60 15.49 -8.13
CA ILE A 9 -4.62 15.68 -6.68
C ILE A 9 -3.53 14.84 -6.01
N CYS A 10 -3.54 13.53 -6.24
CA CYS A 10 -2.59 12.63 -5.60
C CYS A 10 -1.36 12.34 -6.46
N GLU A 11 -1.38 12.70 -7.74
CA GLU A 11 -0.29 12.50 -8.68
C GLU A 11 0.05 11.03 -8.92
N LYS A 12 -0.79 10.11 -8.46
CA LYS A 12 -0.58 8.70 -8.77
C LYS A 12 -1.08 8.41 -10.18
N VAL A 13 -0.47 7.42 -10.81
CA VAL A 13 -0.80 7.06 -12.19
C VAL A 13 -2.08 6.24 -12.18
N ILE A 14 -3.05 6.66 -13.00
CA ILE A 14 -4.32 5.97 -13.15
C ILE A 14 -4.37 5.39 -14.56
N GLN A 15 -4.55 4.07 -14.64
CA GLN A 15 -4.59 3.36 -15.91
C GLN A 15 -6.03 3.15 -16.36
N GLY A 16 -6.18 2.96 -17.67
CA GLY A 16 -7.50 2.77 -18.26
C GLY A 16 -8.17 4.06 -18.66
N ALA A 17 -8.69 4.10 -19.89
CA ALA A 17 -9.32 5.31 -20.39
C ALA A 17 -10.63 5.57 -19.66
N GLY A 18 -10.84 6.83 -19.26
CA GLY A 18 -12.07 7.22 -18.59
C GLY A 18 -12.15 6.82 -17.13
N LYS A 19 -11.09 6.25 -16.56
CA LYS A 19 -11.09 5.81 -15.17
C LYS A 19 -10.64 6.89 -14.19
N LEU A 20 -10.27 8.07 -14.70
CA LEU A 20 -9.79 9.12 -13.79
C LEU A 20 -10.90 9.73 -12.96
N PRO A 21 -12.08 10.08 -13.51
CA PRO A 21 -13.13 10.65 -12.64
C PRO A 21 -13.56 9.71 -11.52
N ARG A 22 -13.60 8.40 -11.79
CA ARG A 22 -13.92 7.45 -10.74
C ARG A 22 -12.91 7.51 -9.61
N HIS A 23 -11.62 7.66 -9.94
CA HIS A 23 -10.59 7.72 -8.91
C HIS A 23 -10.65 9.03 -8.14
N ILE A 24 -10.96 10.12 -8.83
CA ILE A 24 -11.03 11.42 -8.14
C ILE A 24 -12.16 11.44 -7.12
N ARG A 25 -13.20 10.61 -7.33
CA ARG A 25 -14.28 10.53 -6.36
C ARG A 25 -13.79 10.03 -5.01
N THR A 26 -12.70 9.26 -4.99
CA THR A 26 -12.12 8.83 -3.72
C THR A 26 -11.51 9.99 -2.95
N HIS A 27 -11.15 11.08 -3.62
CA HIS A 27 -10.68 12.29 -2.96
C HIS A 27 -11.85 13.20 -2.58
N THR A 28 -12.74 13.48 -3.52
CA THR A 28 -13.84 14.38 -3.26
C THR A 28 -14.90 13.76 -2.37
N GLY A 29 -15.09 12.44 -2.46
CA GLY A 29 -16.11 11.76 -1.68
C GLY A 29 -17.49 11.79 -2.28
N GLU A 30 -17.67 12.36 -3.46
CA GLU A 30 -18.99 12.42 -4.07
C GLU A 30 -19.46 11.01 -4.45
N LYS A 31 -20.75 10.76 -4.26
CA LYS A 31 -21.35 9.45 -4.49
C LYS A 31 -22.60 9.63 -5.32
N PRO A 32 -22.48 9.56 -6.65
CA PRO A 32 -23.65 9.83 -7.50
C PRO A 32 -24.70 8.74 -7.48
N TYR A 33 -24.30 7.48 -7.33
CA TYR A 33 -25.22 6.35 -7.42
C TYR A 33 -25.86 6.10 -6.06
N GLU A 34 -27.19 6.03 -6.04
CA GLU A 34 -27.96 5.87 -4.81
C GLU A 34 -28.83 4.63 -4.89
N CYS A 35 -28.96 3.92 -3.78
CA CYS A 35 -29.81 2.75 -3.73
C CYS A 35 -31.28 3.16 -3.70
N ASN A 36 -32.12 2.39 -4.39
CA ASN A 36 -33.54 2.71 -4.45
C ASN A 36 -34.28 2.38 -3.16
N ILE A 37 -33.72 1.50 -2.33
CA ILE A 37 -34.40 1.05 -1.13
C ILE A 37 -33.88 1.79 0.10
N CYS A 38 -32.62 1.55 0.46
CA CYS A 38 -32.05 2.16 1.65
C CYS A 38 -31.51 3.57 1.39
N LYS A 39 -31.39 3.98 0.13
CA LYS A 39 -30.94 5.31 -0.26
C LYS A 39 -29.52 5.61 0.21
N VAL A 40 -28.74 4.59 0.52
CA VAL A 40 -27.31 4.77 0.75
C VAL A 40 -26.63 5.00 -0.59
N ARG A 41 -25.77 6.02 -0.65
CA ARG A 41 -25.13 6.42 -1.89
C ARG A 41 -23.76 5.77 -2.03
N PHE A 42 -23.35 5.55 -3.28
CA PHE A 42 -22.12 4.84 -3.60
C PHE A 42 -21.33 5.63 -4.64
N THR A 43 -20.01 5.47 -4.58
CA THR A 43 -19.12 6.15 -5.52
C THR A 43 -19.08 5.49 -6.88
N ARG A 44 -19.44 4.21 -6.97
CA ARG A 44 -19.34 3.47 -8.22
C ARG A 44 -20.62 2.65 -8.43
N GLN A 45 -20.92 2.39 -9.71
CA GLN A 45 -22.15 1.69 -10.05
C GLN A 45 -22.03 0.18 -9.79
N ASP A 46 -20.86 -0.39 -10.03
CA ASP A 46 -20.69 -1.83 -9.78
C ASP A 46 -20.79 -2.15 -8.30
N LYS A 47 -20.36 -1.24 -7.43
CA LYS A 47 -20.52 -1.46 -6.00
C LYS A 47 -21.98 -1.36 -5.58
N LEU A 48 -22.74 -0.44 -6.19
CA LEU A 48 -24.17 -0.35 -5.90
C LEU A 48 -24.91 -1.59 -6.35
N LYS A 49 -24.54 -2.14 -7.51
CA LYS A 49 -25.18 -3.37 -7.98
C LYS A 49 -24.93 -4.52 -7.03
N VAL A 50 -23.70 -4.64 -6.53
CA VAL A 50 -23.40 -5.66 -5.52
C VAL A 50 -24.20 -5.40 -4.25
N HIS A 51 -24.39 -4.12 -3.91
CA HIS A 51 -25.14 -3.78 -2.71
C HIS A 51 -26.60 -4.19 -2.82
N MET A 52 -27.19 -4.09 -4.01
CA MET A 52 -28.59 -4.45 -4.17
C MET A 52 -28.82 -5.93 -3.88
N ARG A 53 -27.85 -6.78 -4.19
CA ARG A 53 -27.98 -8.20 -3.87
C ARG A 53 -28.01 -8.45 -2.38
N LYS A 54 -27.45 -7.54 -1.57
CA LYS A 54 -27.53 -7.68 -0.13
C LYS A 54 -28.96 -7.55 0.38
N HIS A 55 -29.78 -6.74 -0.31
CA HIS A 55 -31.17 -6.59 0.08
C HIS A 55 -31.99 -7.84 -0.24
N THR A 56 -31.58 -8.60 -1.25
CA THR A 56 -32.23 -9.86 -1.58
C THR A 56 -31.52 -11.07 -1.01
N GLY A 57 -30.27 -10.92 -0.59
CA GLY A 57 -29.49 -12.05 -0.13
C GLY A 57 -29.00 -12.97 -1.22
N GLU A 58 -29.02 -12.52 -2.48
CA GLU A 58 -28.68 -13.38 -3.60
C GLU A 58 -27.17 -13.60 -3.66
N LYS A 59 -26.77 -14.87 -3.67
CA LYS A 59 -25.39 -15.28 -3.92
C LYS A 59 -25.43 -16.17 -5.16
N PRO A 60 -25.27 -15.59 -6.36
CA PRO A 60 -25.61 -16.33 -7.58
C PRO A 60 -24.66 -17.47 -7.93
N TYR A 61 -23.46 -17.48 -7.36
CA TYR A 61 -22.43 -18.44 -7.75
C TYR A 61 -22.39 -19.57 -6.74
N LEU A 62 -22.80 -20.76 -7.17
CA LEU A 62 -22.98 -21.91 -6.29
C LEU A 62 -21.85 -22.92 -6.51
N CYS A 63 -21.46 -23.58 -5.43
CA CYS A 63 -20.52 -24.68 -5.55
C CYS A 63 -21.25 -25.94 -5.99
N GLN A 64 -20.60 -26.67 -6.90
CA GLN A 64 -21.16 -27.88 -7.50
C GLN A 64 -21.02 -29.08 -6.60
N GLN A 65 -20.08 -29.05 -5.67
CA GLN A 65 -19.80 -30.14 -4.74
C GLN A 65 -20.55 -29.96 -3.42
N CYS A 66 -20.35 -28.83 -2.75
CA CYS A 66 -20.94 -28.65 -1.42
C CYS A 66 -22.16 -27.76 -1.42
N GLY A 67 -22.50 -27.13 -2.54
CA GLY A 67 -23.66 -26.28 -2.58
C GLY A 67 -23.49 -24.92 -1.94
N ALA A 68 -22.27 -24.53 -1.60
CA ALA A 68 -22.04 -23.22 -1.00
C ALA A 68 -22.28 -22.12 -2.02
N ALA A 69 -22.88 -21.03 -1.56
CA ALA A 69 -23.23 -19.90 -2.40
C ALA A 69 -22.31 -18.73 -2.08
N PHE A 70 -21.93 -17.98 -3.12
CA PHE A 70 -21.01 -16.86 -2.97
C PHE A 70 -21.50 -15.68 -3.79
N ALA A 71 -21.22 -14.48 -3.31
CA ALA A 71 -21.64 -13.27 -3.97
C ALA A 71 -20.80 -12.93 -5.19
N HIS A 72 -19.58 -13.46 -5.29
CA HIS A 72 -18.68 -13.17 -6.38
C HIS A 72 -18.18 -14.47 -7.01
N ASN A 73 -18.09 -14.47 -8.34
CA ASN A 73 -17.65 -15.68 -9.04
C ASN A 73 -16.20 -16.03 -8.73
N TYR A 74 -15.35 -15.02 -8.51
CA TYR A 74 -13.97 -15.31 -8.15
C TYR A 74 -13.87 -15.85 -6.74
N ASP A 75 -14.81 -15.49 -5.85
CA ASP A 75 -14.85 -16.09 -4.53
C ASP A 75 -15.16 -17.58 -4.61
N LEU A 76 -15.92 -17.99 -5.63
CA LEU A 76 -16.21 -19.41 -5.81
C LEU A 76 -14.96 -20.19 -6.22
N LYS A 77 -14.10 -19.56 -7.04
CA LYS A 77 -12.86 -20.22 -7.45
C LYS A 77 -11.91 -20.36 -6.27
N ASN A 78 -11.89 -19.39 -5.35
CA ASN A 78 -11.13 -19.53 -4.12
C ASN A 78 -11.65 -20.68 -3.28
N HIS A 79 -12.96 -20.95 -3.35
CA HIS A 79 -13.56 -22.01 -2.56
C HIS A 79 -13.22 -23.39 -3.12
N MET A 80 -13.01 -23.49 -4.43
CA MET A 80 -12.70 -24.79 -5.04
C MET A 80 -11.39 -25.37 -4.51
N ARG A 81 -10.50 -24.53 -3.99
CA ARG A 81 -9.26 -25.04 -3.39
C ARG A 81 -9.52 -25.89 -2.15
N VAL A 82 -10.69 -25.75 -1.53
CA VAL A 82 -11.03 -26.61 -0.40
C VAL A 82 -11.22 -28.05 -0.88
N HIS A 83 -11.79 -28.22 -2.08
CA HIS A 83 -12.02 -29.57 -2.60
C HIS A 83 -10.77 -30.12 -3.29
N THR A 84 -10.02 -29.27 -4.00
CA THR A 84 -8.81 -29.72 -4.66
C THR A 84 -7.62 -29.80 -3.73
N GLY A 85 -7.67 -29.13 -2.59
CA GLY A 85 -6.55 -29.11 -1.67
C GLY A 85 -5.34 -28.34 -2.14
N LEU A 86 -5.49 -27.54 -3.20
CA LEU A 86 -4.36 -26.82 -3.77
C LEU A 86 -4.08 -25.55 -2.96
N ARG A 87 -2.81 -25.33 -2.65
CA ARG A 87 -2.34 -24.11 -1.97
C ARG A 87 -1.35 -23.43 -2.90
N PRO A 88 -1.83 -22.57 -3.81
CA PRO A 88 -0.96 -22.10 -4.90
C PRO A 88 0.06 -21.05 -4.48
N TYR A 89 -0.10 -20.42 -3.33
CA TYR A 89 0.80 -19.37 -2.88
C TYR A 89 1.84 -19.96 -1.94
N GLN A 90 3.11 -19.65 -2.18
CA GLN A 90 4.21 -20.19 -1.32
C GLN A 90 5.30 -19.13 -1.08
N CYS A 91 5.84 -19.10 0.13
CA CYS A 91 6.95 -18.20 0.56
C CYS A 91 8.27 -18.90 0.23
N ASP A 92 9.03 -18.34 -0.71
CA ASP A 92 10.31 -18.92 -1.20
C ASP A 92 11.35 -19.02 -0.07
N SER A 93 11.11 -18.36 1.05
CA SER A 93 12.10 -18.45 2.16
C SER A 93 11.71 -19.55 3.14
N CYS A 94 10.42 -19.68 3.47
CA CYS A 94 9.88 -20.67 4.45
C CYS A 94 9.42 -21.95 3.80
N CYS A 95 8.88 -21.82 2.59
CA CYS A 95 8.27 -22.93 1.81
C CYS A 95 6.89 -23.27 2.40
N LYS A 96 6.28 -22.33 3.12
CA LYS A 96 4.94 -22.53 3.71
C LYS A 96 3.93 -22.13 2.65
N THR A 97 2.81 -22.85 2.55
CA THR A 97 1.86 -22.57 1.50
C THR A 97 0.59 -21.93 2.08
N PHE A 98 -0.09 -21.15 1.24
CA PHE A 98 -1.31 -20.46 1.61
C PHE A 98 -2.35 -20.65 0.52
N VAL A 99 -3.61 -20.36 0.86
CA VAL A 99 -4.72 -20.52 -0.08
C VAL A 99 -5.21 -19.20 -0.66
N ARG A 100 -4.77 -18.06 -0.10
CA ARG A 100 -5.15 -16.76 -0.63
C ARG A 100 -3.90 -15.87 -0.69
N SER A 101 -3.91 -14.93 -1.63
CA SER A 101 -2.72 -14.12 -1.88
C SER A 101 -2.40 -13.21 -0.70
N ASP A 102 -3.42 -12.65 -0.05
CA ASP A 102 -3.16 -11.76 1.08
C ASP A 102 -2.66 -12.50 2.31
N HIS A 103 -2.93 -13.81 2.41
CA HIS A 103 -2.32 -14.60 3.47
C HIS A 103 -0.82 -14.71 3.28
N LEU A 104 -0.37 -14.83 2.03
CA LEU A 104 1.06 -14.83 1.74
C LEU A 104 1.65 -13.43 1.93
N HIS A 105 0.91 -12.40 1.52
CA HIS A 105 1.40 -11.03 1.68
C HIS A 105 1.56 -10.67 3.15
N ARG A 106 0.70 -11.19 4.00
CA ARG A 106 0.81 -10.90 5.46
C ARG A 106 2.08 -11.55 6.02
N HIS A 107 2.42 -12.75 5.58
CA HIS A 107 3.62 -13.48 6.07
C HIS A 107 4.91 -12.78 5.64
N LEU A 108 4.95 -12.23 4.43
CA LEU A 108 6.19 -11.57 3.95
C LEU A 108 6.44 -10.24 4.64
N LYS A 109 5.41 -9.48 4.96
CA LYS A 109 5.63 -8.20 5.64
C LYS A 109 6.09 -8.39 7.08
N LYS A 110 5.96 -9.59 7.63
CA LYS A 110 6.53 -9.90 8.93
C LYS A 110 8.03 -10.14 8.78
N ASP A 111 8.68 -10.48 9.90
CA ASP A 111 10.09 -10.85 9.88
C ASP A 111 10.32 -11.93 10.93
N GLY A 112 11.56 -12.43 10.98
CA GLY A 112 11.89 -13.58 11.79
C GLY A 112 11.66 -14.91 11.11
N CYS A 113 11.10 -14.90 9.90
CA CYS A 113 10.85 -16.13 9.15
C CYS A 113 12.11 -16.62 8.45
N SER B 2 11.55 7.17 -21.32
CA SER B 2 10.82 6.17 -20.54
C SER B 2 10.61 6.65 -19.11
N HIS B 3 9.94 7.79 -18.95
CA HIS B 3 9.63 8.29 -17.62
C HIS B 3 8.57 7.44 -16.93
N MET B 4 7.84 6.61 -17.68
CA MET B 4 6.85 5.70 -17.12
C MET B 4 7.00 4.36 -17.83
N GLN B 5 7.08 3.28 -17.05
CA GLN B 5 7.26 1.96 -17.62
C GLN B 5 6.65 0.92 -16.68
N LYS B 6 6.12 -0.15 -17.27
CA LYS B 6 5.54 -1.24 -16.50
C LYS B 6 6.59 -2.31 -16.25
N CYS B 7 6.61 -2.81 -15.02
CA CYS B 7 7.58 -3.83 -14.64
C CYS B 7 7.26 -5.15 -15.35
N PRO B 8 8.25 -5.81 -15.97
CA PRO B 8 7.95 -7.07 -16.68
C PRO B 8 7.58 -8.22 -15.76
N ILE B 9 7.68 -8.07 -14.45
CA ILE B 9 7.37 -9.13 -13.51
C ILE B 9 6.00 -8.95 -12.88
N CYS B 10 5.75 -7.78 -12.28
CA CYS B 10 4.50 -7.52 -11.58
C CYS B 10 3.55 -6.61 -12.35
N GLU B 11 3.96 -6.12 -13.51
CA GLU B 11 3.12 -5.34 -14.42
C GLU B 11 2.66 -4.01 -13.83
N LYS B 12 3.35 -3.51 -12.81
CA LYS B 12 3.00 -2.24 -12.21
C LYS B 12 3.83 -1.11 -12.79
N VAL B 13 3.27 0.10 -12.75
CA VAL B 13 3.87 1.25 -13.41
C VAL B 13 4.97 1.83 -12.52
N ILE B 14 6.18 1.92 -13.07
CA ILE B 14 7.32 2.50 -12.37
C ILE B 14 7.68 3.81 -13.05
N GLN B 15 7.74 4.88 -12.27
CA GLN B 15 8.00 6.21 -12.78
C GLN B 15 9.47 6.57 -12.63
N GLY B 16 9.96 7.41 -13.53
CA GLY B 16 11.34 7.87 -13.49
C GLY B 16 12.25 7.08 -14.40
N ALA B 17 13.09 7.79 -15.17
CA ALA B 17 14.02 7.13 -16.07
C ALA B 17 15.13 6.45 -15.27
N GLY B 18 15.37 5.18 -15.56
CA GLY B 18 16.38 4.42 -14.86
C GLY B 18 15.98 3.86 -13.53
N LYS B 19 14.69 3.93 -13.19
CA LYS B 19 14.20 3.45 -11.90
C LYS B 19 13.69 2.02 -11.95
N LEU B 20 13.61 1.40 -13.14
CA LEU B 20 13.07 0.05 -13.22
C LEU B 20 14.02 -1.00 -12.67
N PRO B 21 15.33 -1.00 -12.99
CA PRO B 21 16.21 -2.00 -12.37
C PRO B 21 16.20 -1.95 -10.85
N ARG B 22 16.04 -0.76 -10.27
CA ARG B 22 15.91 -0.65 -8.82
C ARG B 22 14.68 -1.39 -8.32
N HIS B 23 13.56 -1.26 -9.03
CA HIS B 23 12.33 -1.94 -8.62
C HIS B 23 12.42 -3.44 -8.86
N ILE B 24 13.09 -3.85 -9.94
CA ILE B 24 13.25 -5.27 -10.23
C ILE B 24 13.98 -5.97 -9.09
N ARG B 25 14.93 -5.28 -8.45
CA ARG B 25 15.68 -5.88 -7.35
C ARG B 25 14.80 -6.20 -6.15
N THR B 26 13.64 -5.53 -6.01
CA THR B 26 12.69 -5.92 -4.97
C THR B 26 12.10 -7.29 -5.22
N HIS B 27 12.06 -7.74 -6.48
CA HIS B 27 11.61 -9.08 -6.81
C HIS B 27 12.73 -10.12 -6.68
N THR B 28 13.93 -9.78 -7.16
CA THR B 28 15.03 -10.73 -7.20
C THR B 28 15.80 -10.83 -5.89
N GLY B 29 15.76 -9.77 -5.07
CA GLY B 29 16.56 -9.75 -3.86
C GLY B 29 18.02 -9.40 -4.06
N GLU B 30 18.40 -8.99 -5.27
CA GLU B 30 19.79 -8.66 -5.55
C GLU B 30 20.24 -7.45 -4.74
N LYS B 31 21.43 -7.54 -4.15
CA LYS B 31 22.00 -6.47 -3.34
C LYS B 31 23.40 -6.18 -3.86
N PRO B 32 23.51 -5.34 -4.89
CA PRO B 32 24.82 -5.09 -5.51
C PRO B 32 25.70 -4.08 -4.77
N TYR B 33 25.17 -3.40 -3.76
CA TYR B 33 25.92 -2.38 -3.03
C TYR B 33 26.25 -2.91 -1.65
N GLU B 34 27.54 -2.94 -1.32
CA GLU B 34 28.02 -3.54 -0.09
C GLU B 34 28.91 -2.54 0.64
N CYS B 35 28.60 -2.31 1.91
CA CYS B 35 29.54 -1.59 2.77
C CYS B 35 30.78 -2.45 2.95
N ASN B 36 31.94 -1.90 2.61
CA ASN B 36 33.20 -2.62 2.74
C ASN B 36 33.75 -2.66 4.16
N ILE B 37 33.08 -2.00 5.12
CA ILE B 37 33.54 -2.00 6.50
C ILE B 37 32.85 -3.14 7.24
N CYS B 38 31.52 -3.12 7.24
CA CYS B 38 30.73 -4.10 7.96
C CYS B 38 30.17 -5.20 7.06
N LYS B 39 30.43 -5.12 5.75
CA LYS B 39 30.05 -6.13 4.76
C LYS B 39 28.54 -6.30 4.60
N VAL B 40 27.73 -5.38 5.14
CA VAL B 40 26.29 -5.44 4.93
C VAL B 40 25.97 -4.98 3.52
N ARG B 41 25.10 -5.73 2.84
CA ARG B 41 24.74 -5.46 1.46
C ARG B 41 23.42 -4.71 1.37
N PHE B 42 23.27 -3.93 0.30
CA PHE B 42 22.09 -3.11 0.09
C PHE B 42 21.63 -3.21 -1.34
N THR B 43 20.32 -3.01 -1.54
CA THR B 43 19.74 -3.06 -2.88
C THR B 43 19.87 -1.74 -3.63
N ARG B 44 20.10 -0.63 -2.92
CA ARG B 44 20.13 0.69 -3.53
C ARG B 44 21.38 1.44 -3.10
N GLN B 45 21.90 2.27 -4.00
CA GLN B 45 23.09 3.06 -3.70
C GLN B 45 22.81 4.11 -2.63
N ASP B 46 21.64 4.75 -2.70
CA ASP B 46 21.32 5.80 -1.73
C ASP B 46 21.15 5.22 -0.33
N LYS B 47 20.67 3.98 -0.22
CA LYS B 47 20.59 3.34 1.09
C LYS B 47 21.98 3.03 1.64
N LEU B 48 22.95 2.77 0.75
CA LEU B 48 24.33 2.57 1.19
C LEU B 48 24.93 3.86 1.71
N LYS B 49 24.64 4.99 1.04
CA LYS B 49 25.15 6.28 1.49
C LYS B 49 24.61 6.64 2.87
N VAL B 50 23.32 6.37 3.09
CA VAL B 50 22.73 6.62 4.41
C VAL B 50 23.41 5.76 5.46
N HIS B 51 23.71 4.50 5.12
CA HIS B 51 24.37 3.61 6.07
C HIS B 51 25.78 4.05 6.39
N MET B 52 26.45 4.73 5.45
CA MET B 52 27.83 5.18 5.69
C MET B 52 27.92 6.13 6.86
N ARG B 53 26.85 6.88 7.14
CA ARG B 53 26.87 7.82 8.25
C ARG B 53 27.05 7.13 9.59
N LYS B 54 26.74 5.84 9.68
CA LYS B 54 27.03 5.10 10.90
C LYS B 54 28.52 5.06 11.18
N HIS B 55 29.34 4.95 10.14
CA HIS B 55 30.78 4.88 10.29
C HIS B 55 31.45 6.26 10.28
N THR B 56 30.96 7.18 9.45
CA THR B 56 31.52 8.53 9.40
C THR B 56 31.04 9.39 10.56
N GLY B 57 29.96 9.02 11.22
CA GLY B 57 29.39 9.84 12.26
C GLY B 57 28.72 11.10 11.77
N GLU B 58 28.52 11.24 10.46
CA GLU B 58 27.96 12.46 9.89
C GLU B 58 26.50 12.62 10.29
N LYS B 59 26.15 13.79 10.82
CA LYS B 59 24.77 14.17 11.12
C LYS B 59 24.45 15.39 10.27
N PRO B 60 23.96 15.19 9.04
CA PRO B 60 23.82 16.32 8.11
C PRO B 60 22.58 17.16 8.32
N TYR B 61 21.63 16.73 9.14
CA TYR B 61 20.38 17.46 9.35
C TYR B 61 20.55 18.33 10.59
N LEU B 62 20.83 19.61 10.35
CA LEU B 62 21.06 20.58 11.41
C LEU B 62 19.88 21.51 11.56
N CYS B 63 19.54 21.82 12.81
CA CYS B 63 18.45 22.76 13.08
C CYS B 63 18.91 24.18 12.84
N GLN B 64 18.03 24.98 12.24
CA GLN B 64 18.35 26.37 11.92
C GLN B 64 18.30 27.28 13.14
N GLN B 65 17.68 26.83 14.23
CA GLN B 65 17.57 27.63 15.44
C GLN B 65 18.59 27.20 16.50
N CYS B 66 18.55 25.94 16.92
CA CYS B 66 19.44 25.49 17.98
C CYS B 66 20.79 25.01 17.48
N GLY B 67 20.88 24.58 16.23
CA GLY B 67 22.13 24.09 15.69
C GLY B 67 22.42 22.63 15.95
N ALA B 68 21.47 21.89 16.53
CA ALA B 68 21.70 20.48 16.80
C ALA B 68 21.74 19.69 15.49
N ALA B 69 22.67 18.74 15.43
CA ALA B 69 22.86 17.90 14.26
C ALA B 69 22.18 16.56 14.49
N PHE B 70 21.60 16.01 13.42
CA PHE B 70 20.87 14.74 13.50
C PHE B 70 21.22 13.90 12.29
N ALA B 71 21.17 12.58 12.48
CA ALA B 71 21.57 11.66 11.42
C ALA B 71 20.48 11.46 10.38
N HIS B 72 19.21 11.56 10.77
CA HIS B 72 18.10 11.32 9.86
C HIS B 72 17.16 12.52 9.85
N ASN B 73 16.45 12.68 8.73
CA ASN B 73 15.52 13.80 8.59
C ASN B 73 14.37 13.71 9.59
N TYR B 74 13.92 12.51 9.92
CA TYR B 74 12.83 12.38 10.87
C TYR B 74 13.25 12.75 12.29
N ASP B 75 14.56 12.69 12.59
CA ASP B 75 15.03 13.19 13.88
C ASP B 75 14.91 14.70 13.96
N LEU B 76 15.26 15.40 12.87
CA LEU B 76 15.15 16.85 12.86
C LEU B 76 13.70 17.30 12.92
N LYS B 77 12.81 16.64 12.17
CA LYS B 77 11.40 16.98 12.23
C LYS B 77 10.83 16.74 13.62
N ASN B 78 11.21 15.62 14.24
CA ASN B 78 10.81 15.37 15.62
C ASN B 78 11.38 16.43 16.55
N HIS B 79 12.65 16.79 16.36
CA HIS B 79 13.27 17.81 17.21
C HIS B 79 12.65 19.18 17.00
N MET B 80 12.25 19.49 15.76
CA MET B 80 11.59 20.77 15.52
C MET B 80 10.30 20.91 16.33
N ARG B 81 9.67 19.80 16.70
CA ARG B 81 8.44 19.87 17.47
C ARG B 81 8.67 20.47 18.84
N VAL B 82 9.80 20.17 19.47
CA VAL B 82 10.08 20.75 20.79
C VAL B 82 10.38 22.24 20.66
N HIS B 83 10.84 22.70 19.50
CA HIS B 83 11.01 24.13 19.26
C HIS B 83 9.68 24.82 18.99
N THR B 84 8.72 24.11 18.41
CA THR B 84 7.44 24.66 17.99
C THR B 84 6.30 24.32 18.93
N GLY B 85 6.29 23.12 19.50
CA GLY B 85 5.09 22.61 20.13
C GLY B 85 4.01 22.20 19.17
N LEU B 86 4.26 22.32 17.86
CA LEU B 86 3.25 22.01 16.86
C LEU B 86 3.10 20.51 16.70
N ARG B 87 1.85 20.04 16.70
CA ARG B 87 1.53 18.68 16.30
C ARG B 87 0.90 18.75 14.92
N PRO B 88 1.54 18.24 13.87
CA PRO B 88 1.21 18.69 12.52
C PRO B 88 0.09 17.93 11.83
N TYR B 89 -0.28 16.75 12.31
CA TYR B 89 -1.28 15.91 11.66
C TYR B 89 -2.56 15.89 12.48
N GLN B 90 -3.69 16.08 11.81
CA GLN B 90 -4.98 16.22 12.48
C GLN B 90 -6.05 15.51 11.67
N CYS B 91 -6.78 14.60 12.32
CA CYS B 91 -7.95 14.00 11.72
C CYS B 91 -9.12 14.98 11.78
N ASP B 92 -10.02 14.88 10.80
CA ASP B 92 -11.15 15.80 10.73
C ASP B 92 -12.47 15.17 11.18
N SER B 93 -12.61 13.85 11.05
CA SER B 93 -13.75 13.15 11.64
C SER B 93 -13.57 12.91 13.13
N CYS B 94 -12.44 13.32 13.69
CA CYS B 94 -12.14 13.14 15.11
C CYS B 94 -11.56 14.37 15.79
N CYS B 95 -10.91 15.28 15.05
CA CYS B 95 -10.13 16.39 15.60
C CYS B 95 -9.07 15.91 16.58
N LYS B 96 -8.78 14.62 16.61
CA LYS B 96 -7.69 14.07 17.39
C LYS B 96 -6.36 14.40 16.70
N THR B 97 -5.34 14.62 17.52
CA THR B 97 -4.06 15.10 17.02
C THR B 97 -3.00 14.01 17.13
N PHE B 98 -2.13 13.95 16.12
CA PHE B 98 -1.05 12.97 16.06
C PHE B 98 0.25 13.68 15.72
N VAL B 99 1.36 12.99 15.98
CA VAL B 99 2.68 13.57 15.73
C VAL B 99 3.32 13.09 14.43
N ARG B 100 2.89 11.94 13.91
CA ARG B 100 3.44 11.40 12.67
C ARG B 100 2.31 11.07 11.71
N SER B 101 2.66 11.00 10.43
CA SER B 101 1.64 10.78 9.39
C SER B 101 1.05 9.38 9.49
N ASP B 102 1.88 8.36 9.72
CA ASP B 102 1.38 7.00 9.81
C ASP B 102 0.48 6.79 11.02
N HIS B 103 0.61 7.62 12.06
CA HIS B 103 -0.32 7.54 13.18
C HIS B 103 -1.73 7.95 12.76
N LEU B 104 -1.84 8.92 11.84
CA LEU B 104 -3.16 9.32 11.35
C LEU B 104 -3.74 8.29 10.40
N HIS B 105 -2.88 7.61 9.63
CA HIS B 105 -3.37 6.61 8.68
C HIS B 105 -3.96 5.41 9.40
N ARG B 106 -3.25 4.89 10.40
CA ARG B 106 -3.77 3.75 11.16
C ARG B 106 -4.91 4.14 12.09
N HIS B 107 -5.18 5.43 12.25
CA HIS B 107 -6.37 5.86 12.98
C HIS B 107 -7.60 5.92 12.10
N LEU B 108 -7.44 6.25 10.82
CA LEU B 108 -8.55 6.29 9.88
C LEU B 108 -8.91 4.92 9.33
N LYS B 109 -8.28 3.85 9.82
CA LYS B 109 -8.50 2.50 9.30
C LYS B 109 -8.58 1.48 10.44
N LYS B 110 -8.85 1.93 11.67
CA LYS B 110 -8.86 1.05 12.85
C LYS B 110 -10.15 1.26 13.64
N ASP B 111 -11.26 0.78 13.08
CA ASP B 111 -12.56 0.73 13.78
C ASP B 111 -12.88 2.15 14.27
N GLY B 112 -13.47 2.28 15.45
CA GLY B 112 -13.62 3.60 16.06
C GLY B 112 -14.59 4.48 15.31
N CYS B 113 -14.15 5.68 14.98
CA CYS B 113 -14.97 6.66 14.28
C CYS B 113 -14.96 6.42 12.77
ZN ZN G . -5.69 10.92 -6.80
ZN ZN H . -29.79 -0.48 -0.28
ZN ZN I . -17.72 -26.54 -2.28
ZN ZN J . 8.16 -18.24 5.14
ZN ZN K . 28.81 -0.54 7.27
ZN ZN L . 16.53 23.25 17.54
ZN ZN M . 7.52 -5.36 -10.36
ZN ZN N . -11.03 10.05 13.84
B BO3 O . -11.72 -11.72 -0.74
O1 BO3 O . -10.92 -12.31 -1.65
O2 BO3 O . -11.21 -10.83 0.15
O3 BO3 O . -13.05 -12.02 -0.71
#